data_9HDX
#
_entry.id   9HDX
#
_cell.length_a   69.350
_cell.length_b   61.460
_cell.length_c   70.720
_cell.angle_alpha   90.00
_cell.angle_beta   113.02
_cell.angle_gamma   90.00
#
_symmetry.space_group_name_H-M   'P 1 21 1'
#
loop_
_entity.id
_entity.type
_entity.pdbx_description
1 polymer "Uridine 5'-monophosphate synthase"
2 non-polymer "THYMIDINE-5'-PHOSPHATE"
3 water water
#
_entity_poly.entity_id   1
_entity_poly.type   'polypeptide(L)'
_entity_poly.pdbx_seq_one_letter_code
;MELSFGARAELPRIHPVASKLLRLMQKKETNLCLSADVSLARELLQLADALGPSICMLKTHVDILNDFTLDVMKELITLA
K(CSS)HEFLIFEDRKFADIGNTVKKQYEGGIFKIASWADLVNAHVVPGSGVVKGLQEVGLPLHRGCLLIAEMSSTGSLA
TGDYTRAAVRMAEEHSEFVVGFISGSRVSMKPEFLHLTPGVQLEAGGDNLGQQYNSPQEVIGKRGSDIIIVGRGIISAAD
RLEAAEMYRKAAWEAYLSRLGV
;
_entity_poly.pdbx_strand_id   A,B
#
# COMPACT_ATOMS: atom_id res chain seq x y z
N MET A 1 31.73 -7.78 15.76
CA MET A 1 32.70 -7.38 14.74
C MET A 1 31.94 -6.98 13.48
N GLU A 2 31.82 -5.67 13.26
N GLU A 2 31.82 -5.67 13.27
CA GLU A 2 31.06 -5.14 12.13
CA GLU A 2 31.08 -5.15 12.13
C GLU A 2 31.91 -5.12 10.87
C GLU A 2 31.95 -5.20 10.88
N LEU A 3 31.33 -5.57 9.77
CA LEU A 3 31.98 -5.63 8.48
C LEU A 3 31.67 -4.38 7.67
N SER A 4 32.62 -3.99 6.82
CA SER A 4 32.39 -2.91 5.88
C SER A 4 31.32 -3.31 4.86
N PHE A 5 30.77 -2.31 4.19
CA PHE A 5 29.83 -2.61 3.11
C PHE A 5 30.47 -3.52 2.04
N GLY A 6 31.72 -3.25 1.68
CA GLY A 6 32.38 -4.07 0.68
C GLY A 6 32.55 -5.52 1.09
N ALA A 7 32.84 -5.76 2.38
CA ALA A 7 32.94 -7.13 2.86
C ALA A 7 31.56 -7.77 2.95
N ARG A 8 30.55 -7.01 3.38
CA ARG A 8 29.21 -7.56 3.39
C ARG A 8 28.77 -8.00 2.00
N ALA A 9 29.20 -7.27 0.97
CA ALA A 9 28.84 -7.61 -0.40
C ALA A 9 29.33 -8.98 -0.82
N GLU A 10 30.34 -9.51 -0.13
CA GLU A 10 30.94 -10.79 -0.45
C GLU A 10 30.44 -11.93 0.43
N LEU A 11 29.54 -11.68 1.37
CA LEU A 11 29.15 -12.72 2.30
C LEU A 11 28.54 -13.89 1.52
N PRO A 12 28.77 -15.12 1.97
CA PRO A 12 28.25 -16.28 1.24
C PRO A 12 26.77 -16.24 0.97
N ARG A 13 25.95 -15.80 1.92
CA ARG A 13 24.50 -15.80 1.81
C ARG A 13 23.92 -14.52 1.26
N ILE A 14 24.77 -13.60 0.80
CA ILE A 14 24.28 -12.31 0.30
C ILE A 14 23.41 -12.53 -0.93
N HIS A 15 22.35 -11.74 -1.03
CA HIS A 15 21.55 -11.75 -2.24
C HIS A 15 22.23 -10.91 -3.32
N PRO A 16 22.14 -11.30 -4.60
N PRO A 16 22.17 -11.33 -4.60
CA PRO A 16 22.88 -10.53 -5.63
CA PRO A 16 22.84 -10.55 -5.65
C PRO A 16 22.47 -9.08 -5.76
C PRO A 16 22.48 -9.07 -5.68
N VAL A 17 21.23 -8.71 -5.42
CA VAL A 17 20.86 -7.31 -5.48
C VAL A 17 21.52 -6.53 -4.34
N ALA A 18 21.53 -7.12 -3.15
CA ALA A 18 22.23 -6.53 -2.02
C ALA A 18 23.72 -6.42 -2.31
N SER A 19 24.31 -7.44 -2.91
N SER A 19 24.32 -7.43 -2.93
CA SER A 19 25.74 -7.37 -3.20
CA SER A 19 25.76 -7.35 -3.19
C SER A 19 26.05 -6.23 -4.16
C SER A 19 26.08 -6.24 -4.19
N LYS A 20 25.25 -6.08 -5.23
CA LYS A 20 25.46 -5.01 -6.19
C LYS A 20 25.38 -3.67 -5.48
N LEU A 21 24.36 -3.50 -4.64
CA LEU A 21 24.20 -2.26 -3.88
C LEU A 21 25.39 -1.98 -2.98
N LEU A 22 25.77 -2.96 -2.18
CA LEU A 22 26.85 -2.78 -1.21
C LEU A 22 28.16 -2.43 -1.91
N ARG A 23 28.43 -3.05 -3.07
CA ARG A 23 29.65 -2.75 -3.80
C ARG A 23 29.67 -1.30 -4.28
N LEU A 24 28.54 -0.80 -4.80
CA LEU A 24 28.53 0.58 -5.31
C LEU A 24 28.53 1.59 -4.17
N MET A 25 27.93 1.23 -3.02
N MET A 25 27.95 1.22 -3.02
CA MET A 25 28.01 2.06 -1.83
CA MET A 25 28.01 2.09 -1.85
C MET A 25 29.46 2.28 -1.46
C MET A 25 29.46 2.33 -1.45
N GLN A 26 30.23 1.19 -1.41
N GLN A 26 30.27 1.27 -1.40
CA GLN A 26 31.64 1.28 -1.06
CA GLN A 26 31.66 1.44 -1.01
C GLN A 26 32.41 2.07 -2.10
C GLN A 26 32.47 2.10 -2.12
N LYS A 27 32.19 1.78 -3.38
CA LYS A 27 32.92 2.44 -4.46
C LYS A 27 32.72 3.94 -4.45
N LYS A 28 31.48 4.38 -4.28
CA LYS A 28 31.10 5.77 -4.41
C LYS A 28 31.11 6.52 -3.07
N GLU A 29 31.37 5.81 -1.97
N GLU A 29 31.36 5.82 -1.97
CA GLU A 29 31.26 6.35 -0.63
CA GLU A 29 31.28 6.40 -0.62
C GLU A 29 29.92 7.06 -0.44
C GLU A 29 29.92 7.05 -0.38
N THR A 30 28.85 6.30 -0.70
CA THR A 30 27.53 6.81 -0.43
C THR A 30 26.62 5.73 0.09
N ASN A 31 25.90 6.10 1.14
CA ASN A 31 24.82 5.33 1.73
C ASN A 31 23.57 6.18 1.83
N LEU A 32 23.39 7.05 0.83
CA LEU A 32 22.21 7.92 0.69
C LEU A 32 21.29 7.41 -0.40
N CYS A 33 20.01 7.28 -0.06
CA CYS A 33 18.93 7.01 -1.02
C CYS A 33 18.11 8.28 -1.14
N LEU A 34 18.03 8.82 -2.35
CA LEU A 34 17.18 9.97 -2.63
C LEU A 34 15.72 9.54 -2.80
N SER A 35 14.81 10.16 -2.06
CA SER A 35 13.38 9.96 -2.25
C SER A 35 12.88 11.00 -3.22
N ALA A 36 12.59 10.58 -4.47
CA ALA A 36 12.27 11.49 -5.57
C ALA A 36 10.74 11.58 -5.69
N ASP A 37 10.12 12.31 -4.77
N ASP A 37 10.12 12.20 -4.70
CA ASP A 37 8.66 12.39 -4.70
CA ASP A 37 8.68 12.40 -4.71
C ASP A 37 8.13 13.56 -5.55
C ASP A 37 8.41 13.64 -5.55
N VAL A 38 8.29 13.41 -6.87
CA VAL A 38 8.04 14.48 -7.84
C VAL A 38 6.91 14.08 -8.79
N SER A 39 6.26 15.07 -9.39
N SER A 39 6.28 15.10 -9.38
CA SER A 39 5.13 14.77 -10.24
CA SER A 39 5.10 14.95 -10.21
C SER A 39 5.47 14.66 -11.72
C SER A 39 5.40 14.82 -11.70
N LEU A 40 6.61 15.17 -12.16
CA LEU A 40 6.93 15.20 -13.58
C LEU A 40 8.13 14.31 -13.90
N ALA A 41 8.03 13.58 -15.02
CA ALA A 41 9.16 12.79 -15.49
C ALA A 41 10.41 13.63 -15.65
N ARG A 42 10.30 14.86 -16.16
CA ARG A 42 11.49 15.67 -16.37
C ARG A 42 12.20 15.95 -15.06
N GLU A 43 11.42 16.16 -13.99
CA GLU A 43 12.03 16.41 -12.69
C GLU A 43 12.71 15.16 -12.17
N LEU A 44 12.05 14.01 -12.34
CA LEU A 44 12.65 12.76 -11.90
C LEU A 44 13.99 12.52 -12.60
N LEU A 45 14.00 12.65 -13.92
CA LEU A 45 15.21 12.37 -14.68
C LEU A 45 16.29 13.42 -14.41
N GLN A 46 15.91 14.68 -14.25
CA GLN A 46 16.88 15.74 -13.95
C GLN A 46 17.56 15.47 -12.61
N LEU A 47 16.77 15.12 -11.60
CA LEU A 47 17.33 14.87 -10.28
C LEU A 47 18.19 13.62 -10.30
N ALA A 48 17.72 12.60 -11.01
CA ALA A 48 18.49 11.37 -11.11
C ALA A 48 19.84 11.63 -11.75
N ASP A 49 19.89 12.46 -12.78
N ASP A 49 19.89 12.47 -12.77
CA ASP A 49 21.14 12.76 -13.45
CA ASP A 49 21.16 12.74 -13.44
C ASP A 49 22.04 13.63 -12.58
C ASP A 49 22.05 13.63 -12.59
N ALA A 50 21.49 14.70 -12.01
CA ALA A 50 22.30 15.64 -11.24
C ALA A 50 22.80 15.03 -9.93
N LEU A 51 21.97 14.24 -9.27
N LEU A 51 21.97 14.22 -9.28
CA LEU A 51 22.31 13.69 -7.96
CA LEU A 51 22.29 13.68 -7.96
C LEU A 51 22.78 12.25 -8.01
C LEU A 51 22.78 12.25 -8.01
N GLY A 52 22.70 11.60 -9.17
CA GLY A 52 23.16 10.24 -9.33
C GLY A 52 24.51 9.93 -8.74
N PRO A 53 25.51 10.78 -8.98
CA PRO A 53 26.85 10.49 -8.44
C PRO A 53 26.90 10.48 -6.93
N SER A 54 25.95 11.10 -6.25
CA SER A 54 25.96 11.22 -4.81
C SER A 54 25.15 10.15 -4.08
N ILE A 55 24.40 9.30 -4.80
CA ILE A 55 23.43 8.41 -4.20
C ILE A 55 23.76 6.96 -4.51
N CYS A 56 23.36 6.07 -3.61
CA CYS A 56 23.41 4.64 -3.90
C CYS A 56 22.09 4.12 -4.46
N MET A 57 21.04 4.91 -4.38
CA MET A 57 19.69 4.42 -4.66
C MET A 57 18.81 5.63 -4.87
N LEU A 58 17.82 5.45 -5.74
N LEU A 58 17.82 5.44 -5.74
CA LEU A 58 16.78 6.43 -5.98
CA LEU A 58 16.77 6.40 -6.02
C LEU A 58 15.48 5.71 -5.71
C LEU A 58 15.45 5.71 -5.74
N LYS A 59 14.69 6.28 -4.81
CA LYS A 59 13.36 5.75 -4.48
C LYS A 59 12.34 6.49 -5.31
N THR A 60 11.72 5.77 -6.25
CA THR A 60 10.72 6.32 -7.14
C THR A 60 9.35 6.22 -6.51
N HIS A 61 8.45 6.97 -7.11
N HIS A 61 8.43 7.12 -6.92
CA HIS A 61 7.14 7.13 -6.63
CA HIS A 61 7.00 7.02 -6.54
C HIS A 61 6.21 7.20 -7.83
C HIS A 61 6.20 7.17 -7.81
N VAL A 62 6.12 6.09 -8.58
CA VAL A 62 5.52 6.21 -9.90
C VAL A 62 4.05 6.56 -9.83
N ASP A 63 3.42 6.28 -8.70
N ASP A 63 3.35 6.20 -8.78
CA ASP A 63 1.99 6.58 -8.50
CA ASP A 63 1.92 6.53 -8.74
C ASP A 63 1.68 8.07 -8.55
C ASP A 63 1.66 7.99 -8.43
N ILE A 64 2.66 8.94 -8.37
N ILE A 64 2.71 8.80 -8.25
CA ILE A 64 2.44 10.37 -8.44
CA ILE A 64 2.57 10.25 -8.17
C ILE A 64 3.08 11.00 -9.68
C ILE A 64 2.98 10.92 -9.47
N LEU A 65 3.60 10.20 -10.60
N LEU A 65 3.72 10.23 -10.35
CA LEU A 65 4.26 10.72 -11.81
CA LEU A 65 4.08 10.80 -11.64
C LEU A 65 3.20 10.92 -12.89
C LEU A 65 2.85 11.02 -12.49
N ASN A 66 2.78 12.19 -13.08
CA ASN A 66 1.64 12.50 -13.94
C ASN A 66 1.82 12.02 -15.37
N ASP A 67 3.06 11.91 -15.83
CA ASP A 67 3.39 11.54 -17.20
C ASP A 67 4.28 10.29 -17.26
N PHE A 68 4.06 9.35 -16.34
CA PHE A 68 4.73 8.06 -16.41
C PHE A 68 4.52 7.41 -17.78
N THR A 69 5.59 6.83 -18.33
CA THR A 69 5.52 5.82 -19.36
C THR A 69 6.65 4.85 -19.11
N LEU A 70 6.61 3.70 -19.78
CA LEU A 70 7.73 2.78 -19.66
C LEU A 70 8.98 3.32 -20.36
N ASP A 71 8.83 4.23 -21.33
N ASP A 71 8.82 4.25 -21.31
CA ASP A 71 10.02 4.87 -21.89
CA ASP A 71 9.98 4.90 -21.91
C ASP A 71 10.75 5.71 -20.85
C ASP A 71 10.73 5.72 -20.87
N VAL A 72 10.01 6.39 -19.97
CA VAL A 72 10.66 7.12 -18.89
C VAL A 72 11.49 6.16 -18.06
N MET A 73 10.93 4.99 -17.74
N MET A 73 10.97 4.97 -17.82
CA MET A 73 11.66 4.01 -16.94
CA MET A 73 11.70 4.03 -16.99
C MET A 73 12.91 3.56 -17.67
C MET A 73 12.90 3.43 -17.73
N LYS A 74 12.79 3.28 -18.97
N LYS A 74 12.82 3.24 -19.05
CA LYS A 74 13.96 2.91 -19.75
CA LYS A 74 14.02 2.88 -19.81
C LYS A 74 15.06 3.95 -19.59
C LYS A 74 15.09 3.95 -19.64
N GLU A 75 14.69 5.23 -19.68
CA GLU A 75 15.66 6.32 -19.54
C GLU A 75 16.21 6.37 -18.13
N LEU A 76 15.37 6.17 -17.13
CA LEU A 76 15.84 6.14 -15.75
C LEU A 76 16.85 5.03 -15.54
N ILE A 77 16.60 3.85 -16.11
CA ILE A 77 17.53 2.74 -16.01
C ILE A 77 18.86 3.10 -16.64
N THR A 78 18.82 3.79 -17.79
CA THR A 78 20.08 4.24 -18.39
C THR A 78 20.88 5.13 -17.43
N LEU A 79 20.19 6.05 -16.73
CA LEU A 79 20.87 6.89 -15.76
C LEU A 79 21.39 6.09 -14.57
N ALA A 80 20.59 5.14 -14.09
CA ALA A 80 21.01 4.28 -12.99
C ALA A 80 22.25 3.49 -13.36
N LYS A 81 22.33 2.98 -14.58
N LYS A 81 22.33 3.00 -14.59
CA LYS A 81 23.49 2.23 -15.00
CA LYS A 81 23.49 2.23 -15.00
C LYS A 81 24.72 3.14 -15.14
C LYS A 81 24.72 3.13 -15.17
N HIS A 83 25.32 6.22 -13.69
CA HIS A 83 25.79 6.78 -12.43
C HIS A 83 25.99 5.75 -11.33
N GLU A 84 25.48 4.55 -11.55
N GLU A 84 25.43 4.57 -11.56
CA GLU A 84 25.60 3.44 -10.61
CA GLU A 84 25.57 3.42 -10.68
C GLU A 84 24.77 3.66 -9.36
C GLU A 84 24.78 3.60 -9.38
N PHE A 85 23.46 3.49 -9.48
CA PHE A 85 22.57 3.44 -8.33
C PHE A 85 21.44 2.47 -8.63
N LEU A 86 20.81 1.95 -7.57
N LEU A 86 20.82 1.95 -7.57
CA LEU A 86 19.67 1.07 -7.75
CA LEU A 86 19.66 1.08 -7.71
C LEU A 86 18.36 1.86 -7.71
C LEU A 86 18.38 1.90 -7.77
N ILE A 87 17.34 1.30 -8.33
CA ILE A 87 16.00 1.87 -8.34
C ILE A 87 15.12 1.09 -7.37
N PHE A 88 14.52 1.81 -6.42
CA PHE A 88 13.64 1.25 -5.39
C PHE A 88 12.28 1.92 -5.55
N GLU A 89 11.26 1.18 -5.96
CA GLU A 89 9.94 1.75 -6.08
C GLU A 89 9.23 1.70 -4.73
N ASP A 90 8.52 2.82 -4.49
N ASP A 90 8.73 2.81 -4.23
CA ASP A 90 7.88 3.18 -3.22
CA ASP A 90 8.17 2.74 -2.87
C ASP A 90 6.62 2.35 -2.92
C ASP A 90 6.69 2.36 -2.82
N ARG A 91 5.90 1.89 -3.95
N ARG A 91 6.06 1.83 -3.88
CA ARG A 91 4.57 1.28 -3.75
CA ARG A 91 4.64 1.36 -3.79
C ARG A 91 4.60 0.34 -2.56
C ARG A 91 4.50 0.42 -2.61
N LYS A 92 3.69 0.51 -1.58
N LYS A 92 3.40 0.56 -1.87
CA LYS A 92 3.80 -0.37 -0.40
CA LYS A 92 3.32 -0.20 -0.61
C LYS A 92 2.88 -1.58 -0.51
C LYS A 92 2.62 -1.52 -0.92
N PHE A 93 3.38 -2.60 -1.19
CA PHE A 93 2.64 -3.85 -1.40
C PHE A 93 2.14 -4.38 -0.06
N ALA A 94 0.84 -4.65 0.04
CA ALA A 94 0.27 -4.84 1.35
C ALA A 94 -1.07 -5.55 1.26
N ASP A 95 -1.11 -6.60 0.46
N ASP A 95 -1.13 -6.60 0.45
CA ASP A 95 -2.32 -7.36 0.18
CA ASP A 95 -2.35 -7.37 0.31
C ASP A 95 -1.99 -8.84 0.24
C ASP A 95 -2.00 -8.85 0.28
N ILE A 96 -3.04 -9.65 0.07
CA ILE A 96 -2.86 -11.07 -0.01
C ILE A 96 -1.95 -11.42 -1.17
N GLY A 97 -1.30 -12.58 -1.07
CA GLY A 97 -0.31 -12.96 -2.06
C GLY A 97 -0.85 -13.01 -3.48
N ASN A 98 -2.07 -13.50 -3.68
CA ASN A 98 -2.57 -13.65 -5.03
C ASN A 98 -2.66 -12.32 -5.76
N THR A 99 -3.05 -11.27 -5.03
N THR A 99 -3.05 -11.26 -5.07
CA THR A 99 -3.23 -9.93 -5.56
CA THR A 99 -3.18 -9.99 -5.79
C THR A 99 -1.90 -9.23 -5.79
C THR A 99 -1.91 -9.15 -5.78
N VAL A 100 -1.04 -9.26 -4.78
CA VAL A 100 0.20 -8.49 -4.85
C VAL A 100 1.05 -8.95 -6.02
N LYS A 101 0.99 -10.23 -6.38
CA LYS A 101 1.75 -10.71 -7.53
C LYS A 101 1.34 -9.96 -8.80
N LYS A 102 0.04 -9.75 -8.96
CA LYS A 102 -0.47 -9.06 -10.15
C LYS A 102 -0.10 -7.58 -10.11
N GLN A 103 -0.15 -6.97 -8.93
CA GLN A 103 0.21 -5.56 -8.77
C GLN A 103 1.68 -5.32 -9.08
N TYR A 104 2.53 -6.28 -8.78
CA TYR A 104 3.97 -6.14 -8.97
C TYR A 104 4.35 -6.28 -10.43
N GLU A 105 3.72 -7.21 -11.13
N GLU A 105 3.73 -7.22 -11.14
CA GLU A 105 4.08 -7.50 -12.52
CA GLU A 105 4.11 -7.49 -12.52
C GLU A 105 3.36 -6.63 -13.52
C GLU A 105 3.35 -6.64 -13.53
N GLY A 106 2.13 -6.27 -13.22
CA GLY A 106 1.19 -5.85 -14.26
C GLY A 106 0.78 -4.40 -14.26
N GLY A 107 -0.42 -4.17 -14.77
CA GLY A 107 -0.93 -2.85 -14.92
C GLY A 107 -0.09 -2.01 -15.88
N ILE A 108 -0.32 -0.69 -15.82
N ILE A 108 -0.33 -0.70 -15.81
CA ILE A 108 0.43 0.19 -16.67
CA ILE A 108 0.40 0.22 -16.66
C ILE A 108 1.87 0.28 -16.21
C ILE A 108 1.83 0.44 -16.17
N PHE A 109 2.12 0.17 -14.89
CA PHE A 109 3.45 0.48 -14.36
C PHE A 109 4.48 -0.62 -14.55
N LYS A 110 4.05 -1.88 -14.56
CA LYS A 110 4.97 -3.00 -14.73
C LYS A 110 6.20 -2.87 -13.84
N ILE A 111 5.96 -2.70 -12.53
CA ILE A 111 7.02 -2.32 -11.60
C ILE A 111 8.18 -3.32 -11.63
N ALA A 112 7.88 -4.61 -11.63
CA ALA A 112 8.94 -5.61 -11.60
C ALA A 112 9.87 -5.52 -12.80
N SER A 113 9.45 -4.92 -13.90
N SER A 113 9.42 -4.89 -13.88
CA SER A 113 10.31 -4.86 -15.07
CA SER A 113 10.20 -4.77 -15.10
C SER A 113 11.31 -3.72 -15.03
C SER A 113 11.37 -3.82 -14.96
N TRP A 114 11.34 -2.92 -13.97
CA TRP A 114 12.35 -1.87 -13.86
C TRP A 114 12.84 -1.59 -12.45
N ALA A 115 12.14 -2.01 -11.40
CA ALA A 115 12.58 -1.72 -10.04
C ALA A 115 13.49 -2.84 -9.52
N ASP A 116 14.72 -2.48 -9.13
CA ASP A 116 15.58 -3.46 -8.48
C ASP A 116 14.99 -3.92 -7.18
N LEU A 117 14.42 -2.98 -6.42
CA LEU A 117 13.89 -3.20 -5.10
C LEU A 117 12.45 -2.70 -5.03
N VAL A 118 11.65 -3.42 -4.26
CA VAL A 118 10.32 -3.00 -3.82
C VAL A 118 10.25 -3.19 -2.33
N ASN A 119 9.19 -2.63 -1.71
CA ASN A 119 8.95 -2.84 -0.29
C ASN A 119 7.53 -3.36 -0.07
N ALA A 120 7.36 -4.06 1.03
CA ALA A 120 6.08 -4.63 1.41
C ALA A 120 5.83 -4.39 2.89
N HIS A 121 4.58 -4.13 3.23
CA HIS A 121 4.14 -4.25 4.60
C HIS A 121 3.91 -5.72 4.94
N VAL A 122 4.17 -6.07 6.21
CA VAL A 122 4.07 -7.45 6.66
C VAL A 122 2.74 -7.80 7.26
N VAL A 123 1.85 -6.83 7.41
CA VAL A 123 0.55 -7.06 8.03
C VAL A 123 -0.25 -8.21 7.41
N PRO A 124 -0.18 -8.52 6.10
CA PRO A 124 -0.99 -9.65 5.59
C PRO A 124 -0.50 -11.00 6.03
N GLY A 125 0.67 -11.10 6.64
CA GLY A 125 1.33 -12.39 6.79
C GLY A 125 2.21 -12.69 5.59
N SER A 126 2.92 -13.83 5.69
CA SER A 126 4.00 -14.11 4.75
C SER A 126 3.54 -14.38 3.33
N GLY A 127 2.24 -14.58 3.10
CA GLY A 127 1.76 -14.67 1.74
C GLY A 127 2.07 -13.44 0.91
N VAL A 128 2.23 -12.27 1.53
CA VAL A 128 2.58 -11.09 0.74
C VAL A 128 3.94 -11.29 0.09
N VAL A 129 4.88 -11.90 0.84
CA VAL A 129 6.21 -12.16 0.29
C VAL A 129 6.16 -13.30 -0.72
N LYS A 130 5.44 -14.37 -0.40
N LYS A 130 5.43 -14.37 -0.40
CA LYS A 130 5.36 -15.50 -1.31
CA LYS A 130 5.36 -15.50 -1.31
C LYS A 130 4.76 -15.10 -2.65
C LYS A 130 4.76 -15.11 -2.65
N GLY A 131 3.75 -14.23 -2.64
CA GLY A 131 3.20 -13.76 -3.89
C GLY A 131 4.17 -12.90 -4.67
N LEU A 132 4.80 -11.93 -4.00
CA LEU A 132 5.76 -11.08 -4.70
C LEU A 132 6.90 -11.90 -5.28
N GLN A 133 7.40 -12.88 -4.55
N GLN A 133 7.35 -12.90 -4.53
CA GLN A 133 8.58 -13.57 -5.02
CA GLN A 133 8.50 -13.71 -4.90
C GLN A 133 8.30 -14.41 -6.26
C GLN A 133 8.24 -14.45 -6.21
N GLU A 134 7.04 -14.80 -6.50
N GLU A 134 6.99 -14.83 -6.48
CA GLU A 134 6.75 -15.52 -7.73
CA GLU A 134 6.68 -15.51 -7.73
C GLU A 134 6.97 -14.69 -8.99
C GLU A 134 7.13 -14.69 -8.93
N VAL A 135 6.96 -13.37 -8.85
CA VAL A 135 7.33 -12.45 -9.92
C VAL A 135 8.77 -11.99 -9.77
N GLY A 136 9.19 -11.70 -8.54
CA GLY A 136 10.49 -11.10 -8.33
C GLY A 136 11.64 -12.05 -8.56
N LEU A 137 11.48 -13.33 -8.20
CA LEU A 137 12.58 -14.28 -8.38
C LEU A 137 12.92 -14.48 -9.84
N PRO A 138 11.96 -14.69 -10.74
CA PRO A 138 12.37 -14.79 -12.16
C PRO A 138 13.04 -13.53 -12.67
N LEU A 139 12.66 -12.35 -12.16
CA LEU A 139 13.22 -11.09 -12.61
C LEU A 139 14.42 -10.66 -11.81
N HIS A 140 14.96 -11.54 -10.95
CA HIS A 140 16.24 -11.29 -10.28
C HIS A 140 16.16 -10.08 -9.35
N ARG A 141 15.01 -9.85 -8.75
CA ARG A 141 14.75 -8.68 -7.92
C ARG A 141 14.90 -8.97 -6.43
N GLY A 142 14.88 -7.89 -5.64
CA GLY A 142 14.83 -8.00 -4.20
C GLY A 142 13.68 -7.22 -3.59
N CYS A 143 13.43 -7.52 -2.32
CA CYS A 143 12.35 -6.90 -1.54
C CYS A 143 12.83 -6.47 -0.18
N LEU A 144 12.26 -5.37 0.31
CA LEU A 144 12.49 -4.86 1.65
C LEU A 144 11.20 -4.96 2.43
N LEU A 145 11.25 -5.40 3.68
CA LEU A 145 10.07 -5.47 4.52
C LEU A 145 10.02 -4.30 5.48
N ILE A 146 8.85 -3.70 5.61
CA ILE A 146 8.68 -2.53 6.48
C ILE A 146 8.50 -3.02 7.91
N ALA A 147 9.58 -2.96 8.68
CA ALA A 147 9.60 -3.48 10.02
C ALA A 147 9.25 -2.43 11.07
N GLU A 148 9.53 -1.16 10.78
CA GLU A 148 9.20 -0.02 11.63
C GLU A 148 8.84 1.12 10.69
N MET A 149 8.08 2.10 11.20
CA MET A 149 7.77 3.31 10.45
C MET A 149 8.16 4.54 11.27
N SER A 150 8.38 5.64 10.55
CA SER A 150 8.88 6.86 11.16
C SER A 150 7.78 7.77 11.69
N SER A 151 6.53 7.48 11.43
CA SER A 151 5.43 8.41 11.67
C SER A 151 4.81 8.22 13.05
N THR A 152 4.23 9.31 13.53
N THR A 152 4.24 9.32 13.55
CA THR A 152 3.61 9.31 14.86
CA THR A 152 3.62 9.30 14.86
C THR A 152 2.44 8.35 14.90
C THR A 152 2.47 8.31 14.87
N GLY A 153 2.41 7.49 15.91
CA GLY A 153 1.37 6.50 16.05
C GLY A 153 1.62 5.20 15.30
N SER A 154 2.79 5.04 14.70
CA SER A 154 3.12 3.80 14.02
C SER A 154 2.81 2.59 14.88
N LEU A 155 2.18 1.60 14.25
CA LEU A 155 1.90 0.33 14.91
C LEU A 155 2.95 -0.72 14.60
N ALA A 156 4.00 -0.37 13.87
CA ALA A 156 5.06 -1.31 13.49
C ALA A 156 6.13 -1.35 14.59
N THR A 157 5.72 -1.94 15.70
CA THR A 157 6.51 -1.96 16.93
C THR A 157 6.42 -3.35 17.55
N GLY A 158 7.33 -3.64 18.49
CA GLY A 158 7.18 -4.82 19.32
C GLY A 158 7.11 -6.10 18.50
N ASP A 159 6.07 -6.88 18.76
CA ASP A 159 5.91 -8.18 18.09
C ASP A 159 5.73 -8.02 16.58
N TYR A 160 5.19 -6.89 16.13
CA TYR A 160 5.03 -6.66 14.69
C TYR A 160 6.40 -6.58 14.02
N THR A 161 7.32 -5.81 14.60
CA THR A 161 8.68 -5.72 14.11
C THR A 161 9.34 -7.08 14.12
N ARG A 162 9.17 -7.83 15.21
CA ARG A 162 9.77 -9.16 15.30
C ARG A 162 9.23 -10.08 14.20
N ALA A 163 7.94 -9.99 13.90
CA ALA A 163 7.37 -10.78 12.83
C ALA A 163 7.98 -10.43 11.48
N ALA A 164 8.21 -9.13 11.23
CA ALA A 164 8.86 -8.72 10.00
C ALA A 164 10.26 -9.34 9.87
N VAL A 165 11.03 -9.32 10.96
CA VAL A 165 12.38 -9.88 10.92
C VAL A 165 12.34 -11.38 10.62
N ARG A 166 11.45 -12.11 11.29
CA ARG A 166 11.32 -13.54 11.02
C ARG A 166 10.91 -13.80 9.58
N MET A 167 9.98 -13.00 9.06
N MET A 167 9.95 -13.03 9.07
CA MET A 167 9.53 -13.20 7.68
CA MET A 167 9.54 -13.20 7.67
C MET A 167 10.67 -12.97 6.70
C MET A 167 10.72 -13.02 6.74
N ALA A 168 11.51 -11.97 6.96
CA ALA A 168 12.65 -11.71 6.10
C ALA A 168 13.64 -12.85 6.16
N GLU A 169 13.96 -13.29 7.36
N GLU A 169 14.01 -13.26 7.38
CA GLU A 169 15.02 -14.25 7.51
CA GLU A 169 14.99 -14.34 7.54
C GLU A 169 14.60 -15.63 7.02
C GLU A 169 14.57 -15.56 6.77
N GLU A 170 13.29 -15.88 6.85
CA GLU A 170 12.72 -17.09 6.27
C GLU A 170 12.47 -17.00 4.77
N HIS A 171 12.68 -15.84 4.16
CA HIS A 171 12.50 -15.64 2.73
C HIS A 171 13.70 -14.93 2.14
N SER A 172 14.90 -15.34 2.55
CA SER A 172 16.13 -14.66 2.18
C SER A 172 16.52 -14.84 0.72
N GLU A 173 15.86 -15.72 -0.02
CA GLU A 173 16.08 -15.78 -1.44
C GLU A 173 15.56 -14.55 -2.16
N PHE A 174 14.67 -13.80 -1.54
CA PHE A 174 14.04 -12.62 -2.14
C PHE A 174 14.14 -11.39 -1.27
N VAL A 175 13.94 -11.54 0.04
CA VAL A 175 14.00 -10.39 0.95
C VAL A 175 15.46 -10.09 1.28
N VAL A 176 15.85 -8.85 1.03
CA VAL A 176 17.23 -8.41 1.22
C VAL A 176 17.40 -7.42 2.32
N GLY A 177 16.33 -7.03 3.00
CA GLY A 177 16.46 -6.10 4.09
C GLY A 177 15.16 -5.49 4.50
N PHE A 178 15.27 -4.34 5.15
CA PHE A 178 14.18 -3.73 5.88
C PHE A 178 14.11 -2.24 5.62
N ILE A 179 12.89 -1.72 5.69
CA ILE A 179 12.68 -0.31 6.02
C ILE A 179 12.46 -0.28 7.52
N SER A 180 13.30 0.46 8.22
CA SER A 180 13.25 0.44 9.68
C SER A 180 13.88 1.72 10.18
N GLY A 181 13.73 1.99 11.48
CA GLY A 181 14.37 3.14 12.09
C GLY A 181 15.71 2.86 12.71
N SER A 182 16.02 1.57 12.88
N SER A 182 16.09 1.58 12.73
CA SER A 182 17.23 1.10 13.52
CA SER A 182 17.25 1.09 13.46
C SER A 182 17.61 -0.24 12.89
C SER A 182 17.57 -0.29 12.89
N ARG A 183 18.71 -0.80 13.36
N ARG A 183 18.78 -0.77 13.21
CA ARG A 183 19.06 -2.18 13.01
CA ARG A 183 19.04 -2.20 13.01
C ARG A 183 18.10 -3.13 13.74
C ARG A 183 17.96 -3.00 13.71
N VAL A 184 17.37 -3.95 12.99
CA VAL A 184 16.41 -4.89 13.54
C VAL A 184 16.85 -6.35 13.39
N SER A 185 17.68 -6.66 12.41
CA SER A 185 18.23 -8.00 12.25
C SER A 185 19.71 -7.96 12.61
N MET A 186 20.16 -9.02 13.26
CA MET A 186 21.58 -9.17 13.57
C MET A 186 22.34 -9.84 12.45
N LYS A 187 21.69 -10.21 11.37
N LYS A 187 21.69 -10.20 11.35
CA LYS A 187 22.37 -10.89 10.28
CA LYS A 187 22.36 -10.89 10.26
C LYS A 187 22.93 -9.87 9.30
C LYS A 187 22.92 -9.87 9.28
N PRO A 188 24.23 -9.86 9.02
CA PRO A 188 24.82 -8.77 8.21
C PRO A 188 24.45 -8.82 6.74
N GLU A 189 23.85 -9.92 6.27
CA GLU A 189 23.40 -10.00 4.89
C GLU A 189 22.19 -9.13 4.61
N PHE A 190 21.49 -8.66 5.64
N PHE A 190 21.52 -8.63 5.64
CA PHE A 190 20.31 -7.83 5.45
CA PHE A 190 20.34 -7.78 5.45
C PHE A 190 20.65 -6.35 5.54
C PHE A 190 20.72 -6.30 5.48
N LEU A 191 20.06 -5.59 4.65
N LEU A 191 20.11 -5.54 4.58
CA LEU A 191 20.19 -4.14 4.61
CA LEU A 191 20.25 -4.08 4.57
C LEU A 191 19.15 -3.50 5.52
C LEU A 191 19.16 -3.43 5.41
N HIS A 192 19.53 -2.36 6.10
CA HIS A 192 18.58 -1.53 6.84
C HIS A 192 18.54 -0.15 6.20
N LEU A 193 17.37 0.27 5.74
CA LEU A 193 17.15 1.57 5.13
C LEU A 193 16.20 2.37 6.01
N THR A 194 16.56 3.61 6.31
CA THR A 194 15.82 4.41 7.27
C THR A 194 15.33 5.72 6.68
N PRO A 195 14.00 5.89 6.54
CA PRO A 195 13.41 7.18 6.18
C PRO A 195 13.12 7.99 7.43
N GLY A 196 12.57 9.17 7.28
CA GLY A 196 12.44 10.06 8.43
C GLY A 196 13.76 10.64 8.85
N VAL A 197 14.52 11.16 7.88
CA VAL A 197 15.86 11.68 8.13
C VAL A 197 15.96 13.13 7.65
N GLN A 198 16.47 13.99 8.53
N GLN A 198 16.46 13.99 8.52
CA GLN A 198 16.86 15.35 8.19
CA GLN A 198 16.87 15.34 8.12
C GLN A 198 17.99 15.74 9.13
C GLN A 198 17.92 15.79 9.14
N LEU A 199 18.76 16.74 8.73
CA LEU A 199 19.84 17.19 9.60
C LEU A 199 19.31 17.82 10.90
N GLU A 200 18.24 18.61 10.81
CA GLU A 200 17.67 19.29 11.96
C GLU A 200 16.54 18.51 12.61
N ALA A 201 16.33 18.75 13.91
CA ALA A 201 15.19 18.18 14.62
C ALA A 201 13.88 18.71 14.05
N GLY A 202 12.85 17.88 14.08
CA GLY A 202 11.53 18.31 13.71
C GLY A 202 10.72 17.18 13.10
N GLY A 203 9.68 17.61 12.42
CA GLY A 203 8.77 16.71 11.78
C GLY A 203 8.06 17.45 10.67
N ASP A 204 6.95 16.89 10.22
CA ASP A 204 6.07 17.63 9.31
C ASP A 204 4.72 17.79 9.98
N ASN A 205 3.75 18.35 9.26
CA ASN A 205 2.45 18.65 9.84
C ASN A 205 1.47 17.48 9.73
N LEU A 206 1.92 16.32 9.25
CA LEU A 206 1.09 15.13 9.07
C LEU A 206 1.81 13.92 9.61
N GLY A 207 2.46 14.06 10.76
CA GLY A 207 2.97 12.92 11.50
C GLY A 207 4.36 12.41 11.17
N GLN A 208 5.05 12.98 10.19
CA GLN A 208 6.44 12.58 9.97
C GLN A 208 7.29 13.05 11.14
N GLN A 209 8.24 12.22 11.53
CA GLN A 209 9.20 12.55 12.59
C GLN A 209 10.59 12.33 12.05
N TYR A 210 11.48 13.28 12.28
CA TYR A 210 12.84 13.21 11.77
C TYR A 210 13.89 12.91 12.82
N ASN A 211 14.90 12.16 12.40
CA ASN A 211 16.14 11.93 13.14
C ASN A 211 17.30 12.22 12.20
N SER A 212 18.47 12.48 12.78
CA SER A 212 19.60 12.87 11.97
C SER A 212 20.33 11.66 11.39
N PRO A 213 21.14 11.87 10.34
CA PRO A 213 21.98 10.75 9.84
C PRO A 213 22.86 10.15 10.91
N GLN A 214 23.49 10.99 11.74
CA GLN A 214 24.36 10.43 12.78
C GLN A 214 23.58 9.56 13.74
N GLU A 215 22.37 10.00 14.13
CA GLU A 215 21.56 9.19 15.03
C GLU A 215 21.19 7.85 14.40
N VAL A 216 20.73 7.85 13.14
N VAL A 216 20.73 7.89 13.15
CA VAL A 216 20.13 6.63 12.60
CA VAL A 216 20.13 6.72 12.51
C VAL A 216 21.21 5.65 12.12
C VAL A 216 21.21 5.70 12.16
N ILE A 217 22.29 6.17 11.53
CA ILE A 217 23.37 5.31 11.06
C ILE A 217 24.32 4.99 12.21
N GLY A 218 24.74 6.02 12.94
CA GLY A 218 25.77 5.83 13.95
C GLY A 218 25.26 5.22 15.23
N LYS A 219 24.21 5.78 15.81
N LYS A 219 24.19 5.75 15.80
CA LYS A 219 23.70 5.27 17.07
CA LYS A 219 23.71 5.27 17.09
C LYS A 219 22.77 4.07 16.88
C LYS A 219 22.66 4.17 16.98
N ARG A 220 21.86 4.14 15.91
CA ARG A 220 20.82 3.13 15.75
C ARG A 220 21.23 1.99 14.84
N GLY A 221 22.34 2.09 14.14
CA GLY A 221 22.90 0.99 13.41
C GLY A 221 22.33 0.71 12.05
N SER A 222 21.59 1.64 11.47
N SER A 222 21.58 1.64 11.46
CA SER A 222 21.06 1.43 10.15
CA SER A 222 21.07 1.41 10.12
C SER A 222 22.17 1.60 9.09
C SER A 222 22.19 1.56 9.09
N ASP A 223 21.88 1.20 7.85
CA ASP A 223 22.86 1.25 6.78
C ASP A 223 22.72 2.43 5.84
N ILE A 224 21.49 2.80 5.46
CA ILE A 224 21.22 3.76 4.42
C ILE A 224 20.18 4.74 4.94
N ILE A 225 20.36 6.02 4.63
CA ILE A 225 19.33 7.01 4.91
C ILE A 225 18.52 7.28 3.66
N ILE A 226 17.21 7.41 3.83
CA ILE A 226 16.29 7.80 2.76
C ILE A 226 15.86 9.24 3.06
N VAL A 227 16.13 10.15 2.12
CA VAL A 227 15.90 11.58 2.32
C VAL A 227 15.15 12.13 1.12
N GLY A 228 14.00 12.77 1.38
CA GLY A 228 13.21 13.42 0.34
C GLY A 228 13.32 14.93 0.46
N ARG A 229 12.40 15.51 1.23
CA ARG A 229 12.31 16.96 1.35
C ARG A 229 13.60 17.61 1.83
N GLY A 230 14.37 16.94 2.68
CA GLY A 230 15.60 17.55 3.17
C GLY A 230 16.54 17.92 2.03
N ILE A 231 16.49 17.20 0.93
CA ILE A 231 17.24 17.52 -0.28
C ILE A 231 16.41 18.33 -1.26
N ILE A 232 15.22 17.83 -1.60
N ILE A 232 15.22 17.84 -1.63
CA ILE A 232 14.46 18.39 -2.73
CA ILE A 232 14.52 18.43 -2.78
C ILE A 232 14.11 19.85 -2.49
C ILE A 232 14.02 19.84 -2.47
N SER A 233 13.72 20.19 -1.24
N SER A 233 13.75 20.16 -1.20
CA SER A 233 13.29 21.55 -0.94
CA SER A 233 13.30 21.51 -0.84
C SER A 233 14.44 22.52 -0.73
C SER A 233 14.44 22.50 -0.68
N ALA A 234 15.69 22.04 -0.69
CA ALA A 234 16.83 22.92 -0.53
C ALA A 234 16.99 23.78 -1.77
N ALA A 235 17.58 24.98 -1.57
CA ALA A 235 17.89 25.79 -2.73
C ALA A 235 18.86 25.06 -3.66
N ASP A 236 19.93 24.54 -3.09
CA ASP A 236 20.99 23.84 -3.86
C ASP A 236 20.87 22.35 -3.56
N ARG A 237 20.22 21.62 -4.46
CA ARG A 237 19.99 20.19 -4.23
C ARG A 237 21.26 19.38 -4.28
N LEU A 238 22.23 19.81 -5.09
CA LEU A 238 23.48 19.07 -5.16
C LEU A 238 24.23 19.19 -3.85
N GLU A 239 24.34 20.40 -3.33
CA GLU A 239 25.01 20.59 -2.06
C GLU A 239 24.27 19.87 -0.95
N ALA A 240 22.94 19.91 -0.97
CA ALA A 240 22.21 19.21 0.07
C ALA A 240 22.45 17.70 0.01
N ALA A 241 22.41 17.12 -1.20
CA ALA A 241 22.69 15.69 -1.32
C ALA A 241 24.09 15.37 -0.81
N GLU A 242 25.07 16.22 -1.13
CA GLU A 242 26.42 15.97 -0.65
C GLU A 242 26.52 16.06 0.87
N MET A 243 25.80 17.01 1.48
N MET A 243 25.82 17.04 1.47
CA MET A 243 25.80 17.10 2.93
CA MET A 243 25.77 17.11 2.92
C MET A 243 25.20 15.86 3.57
C MET A 243 25.24 15.82 3.53
N TYR A 244 24.11 15.35 3.02
CA TYR A 244 23.53 14.13 3.54
C TYR A 244 24.43 12.92 3.30
N ARG A 245 25.03 12.84 2.11
CA ARG A 245 25.95 11.74 1.83
C ARG A 245 27.10 11.75 2.83
N LYS A 246 27.74 12.90 2.99
CA LYS A 246 28.90 12.96 3.89
C LYS A 246 28.50 12.63 5.32
N ALA A 247 27.33 13.10 5.76
CA ALA A 247 26.86 12.79 7.10
C ALA A 247 26.67 11.29 7.28
N ALA A 248 25.93 10.66 6.37
CA ALA A 248 25.66 9.23 6.52
C ALA A 248 26.94 8.42 6.39
N TRP A 249 27.84 8.84 5.51
CA TRP A 249 29.05 8.06 5.27
C TRP A 249 29.97 8.12 6.48
N GLU A 250 30.18 9.33 7.02
N GLU A 250 30.15 9.31 7.05
CA GLU A 250 31.01 9.45 8.20
CA GLU A 250 31.05 9.42 8.18
C GLU A 250 30.44 8.66 9.37
C GLU A 250 30.45 8.79 9.45
N ALA A 251 29.12 8.73 9.55
CA ALA A 251 28.50 8.00 10.65
C ALA A 251 28.75 6.50 10.50
N TYR A 252 28.69 6.00 9.27
CA TYR A 252 29.01 4.60 9.02
C TYR A 252 30.48 4.30 9.34
N LEU A 253 31.39 5.16 8.89
CA LEU A 253 32.80 4.91 9.13
C LEU A 253 33.10 4.87 10.62
N SER A 254 32.47 5.77 11.37
N SER A 254 32.43 5.73 11.38
CA SER A 254 32.69 5.85 12.80
CA SER A 254 32.72 5.84 12.81
C SER A 254 32.28 4.54 13.48
C SER A 254 32.21 4.65 13.59
N ARG A 255 31.07 4.08 13.18
CA ARG A 255 30.60 2.84 13.77
C ARG A 255 31.50 1.69 13.38
N LEU A 256 32.04 1.72 12.21
CA LEU A 256 32.95 0.69 11.77
C LEU A 256 34.21 0.64 12.54
N GLY A 257 34.65 1.79 12.97
CA GLY A 257 35.88 1.88 13.70
C GLY A 257 37.03 1.40 12.85
N MET B 1 -29.72 -3.55 19.63
CA MET B 1 -30.87 -3.56 18.73
C MET B 1 -30.39 -3.38 17.29
N GLU B 2 -30.62 -4.40 16.48
N GLU B 2 -30.67 -4.38 16.44
CA GLU B 2 -30.17 -4.38 15.10
CA GLU B 2 -30.12 -4.40 15.09
C GLU B 2 -31.10 -3.49 14.29
C GLU B 2 -31.07 -3.70 14.11
N LEU B 3 -30.54 -2.72 13.39
CA LEU B 3 -31.29 -1.87 12.49
C LEU B 3 -31.08 -2.31 11.05
N SER B 4 -32.11 -2.15 10.23
CA SER B 4 -31.95 -2.39 8.81
C SER B 4 -30.95 -1.40 8.21
N PHE B 5 -30.46 -1.75 7.01
CA PHE B 5 -29.61 -0.81 6.29
C PHE B 5 -30.33 0.51 6.03
N GLY B 6 -31.61 0.45 5.67
CA GLY B 6 -32.36 1.67 5.42
C GLY B 6 -32.45 2.57 6.64
N ALA B 7 -32.64 1.98 7.82
CA ALA B 7 -32.67 2.78 9.04
C ALA B 7 -31.28 3.31 9.39
N ARG B 8 -30.24 2.50 9.17
CA ARG B 8 -28.90 2.98 9.43
C ARG B 8 -28.55 4.18 8.56
N ALA B 9 -29.12 4.23 7.33
CA ALA B 9 -28.88 5.36 6.44
C ALA B 9 -29.36 6.68 7.04
N GLU B 10 -30.24 6.63 8.03
N GLU B 10 -30.24 6.64 8.02
CA GLU B 10 -30.84 7.80 8.65
CA GLU B 10 -30.80 7.83 8.62
C GLU B 10 -30.25 8.09 10.01
C GLU B 10 -30.18 8.16 9.96
N LEU B 11 -29.20 7.40 10.42
CA LEU B 11 -28.63 7.66 11.73
C LEU B 11 -28.06 9.07 11.80
N PRO B 12 -28.16 9.73 12.97
CA PRO B 12 -27.68 11.11 13.10
C PRO B 12 -26.26 11.37 12.64
N ARG B 13 -25.34 10.49 12.97
N ARG B 13 -25.34 10.48 12.98
CA ARG B 13 -23.92 10.70 12.70
CA ARG B 13 -23.92 10.70 12.71
C ARG B 13 -23.47 10.02 11.42
C ARG B 13 -23.47 10.11 11.37
N ILE B 14 -24.40 9.66 10.53
CA ILE B 14 -24.01 8.97 9.30
C ILE B 14 -23.30 9.92 8.33
N HIS B 15 -22.25 9.42 7.68
CA HIS B 15 -21.60 10.18 6.62
C HIS B 15 -22.44 10.09 5.35
N PRO B 16 -22.48 11.16 4.55
N PRO B 16 -22.50 11.14 4.54
CA PRO B 16 -23.29 11.14 3.33
CA PRO B 16 -23.34 11.06 3.32
C PRO B 16 -22.96 9.99 2.37
C PRO B 16 -23.01 9.89 2.40
N VAL B 17 -21.70 9.56 2.27
N VAL B 17 -21.73 9.58 2.17
CA VAL B 17 -21.42 8.47 1.32
CA VAL B 17 -21.40 8.42 1.33
C VAL B 17 -21.89 7.13 1.88
C VAL B 17 -22.03 7.17 1.91
N ALA B 18 -21.87 6.99 3.21
CA ALA B 18 -22.40 5.78 3.84
C ALA B 18 -23.91 5.76 3.74
N SER B 19 -24.59 6.90 3.90
N SER B 19 -24.57 6.90 3.91
CA SER B 19 -26.05 6.87 3.79
CA SER B 19 -26.02 6.95 3.78
C SER B 19 -26.49 6.57 2.36
C SER B 19 -26.44 6.56 2.38
N LYS B 20 -25.76 7.08 1.35
CA LYS B 20 -26.08 6.75 -0.03
C LYS B 20 -25.95 5.24 -0.24
N LEU B 21 -24.86 4.67 0.25
CA LEU B 21 -24.66 3.23 0.12
C LEU B 21 -25.75 2.43 0.83
N LEU B 22 -26.05 2.77 2.07
CA LEU B 22 -27.02 2.02 2.82
C LEU B 22 -28.41 2.10 2.18
N ARG B 23 -28.77 3.27 1.64
N ARG B 23 -28.76 3.26 1.63
CA ARG B 23 -30.05 3.41 0.96
CA ARG B 23 -30.05 3.41 0.96
C ARG B 23 -30.14 2.48 -0.25
C ARG B 23 -30.14 2.52 -0.27
N LEU B 24 -29.07 2.45 -1.08
CA LEU B 24 -29.15 1.61 -2.28
C LEU B 24 -29.09 0.12 -1.91
N MET B 25 -28.39 -0.23 -0.83
N MET B 25 -28.39 -0.24 -0.84
CA MET B 25 -28.40 -1.61 -0.35
CA MET B 25 -28.42 -1.61 -0.38
C MET B 25 -29.82 -2.04 -0.04
C MET B 25 -29.83 -2.04 -0.04
N GLN B 26 -30.54 -1.21 0.72
CA GLN B 26 -31.91 -1.51 1.09
C GLN B 26 -32.81 -1.57 -0.15
N LYS B 27 -32.67 -0.58 -1.05
CA LYS B 27 -33.55 -0.52 -2.22
C LYS B 27 -33.38 -1.75 -3.10
N LYS B 28 -32.14 -2.18 -3.33
CA LYS B 28 -31.82 -3.23 -4.28
C LYS B 28 -31.70 -4.61 -3.65
N GLU B 29 -31.83 -4.70 -2.33
N GLU B 29 -31.80 -4.69 -2.33
CA GLU B 29 -31.63 -5.95 -1.60
CA GLU B 29 -31.63 -5.95 -1.60
C GLU B 29 -30.29 -6.58 -1.95
C GLU B 29 -30.28 -6.60 -1.90
N THR B 30 -29.22 -5.79 -1.81
CA THR B 30 -27.89 -6.33 -2.01
C THR B 30 -26.92 -5.72 -1.02
N ASN B 31 -26.11 -6.60 -0.47
CA ASN B 31 -24.97 -6.28 0.37
C ASN B 31 -23.73 -6.99 -0.16
N LEU B 32 -23.65 -7.10 -1.48
CA LEU B 32 -22.53 -7.71 -2.19
C LEU B 32 -21.66 -6.63 -2.85
N CYS B 33 -20.36 -6.71 -2.61
CA CYS B 33 -19.35 -5.92 -3.30
C CYS B 33 -18.56 -6.86 -4.22
N LEU B 34 -18.63 -6.61 -5.52
CA LEU B 34 -17.82 -7.35 -6.49
C LEU B 34 -16.39 -6.87 -6.46
N SER B 35 -15.44 -7.79 -6.30
CA SER B 35 -14.03 -7.47 -6.38
C SER B 35 -13.62 -7.75 -7.81
N ALA B 36 -13.53 -6.69 -8.63
CA ALA B 36 -13.35 -6.79 -10.07
C ALA B 36 -11.87 -6.87 -10.41
N ASP B 37 -11.27 -7.99 -10.03
CA ASP B 37 -9.83 -8.16 -10.18
C ASP B 37 -9.53 -8.72 -11.57
N VAL B 38 -9.64 -7.85 -12.57
CA VAL B 38 -9.46 -8.15 -13.98
C VAL B 38 -8.45 -7.19 -14.57
N SER B 39 -7.85 -7.54 -15.70
CA SER B 39 -6.81 -6.72 -16.27
C SER B 39 -7.24 -5.92 -17.49
N LEU B 40 -8.45 -6.11 -17.99
CA LEU B 40 -8.92 -5.44 -19.19
C LEU B 40 -10.11 -4.56 -18.90
N ALA B 41 -10.04 -3.33 -19.41
CA ALA B 41 -11.14 -2.39 -19.25
C ALA B 41 -12.46 -2.95 -19.79
N ARG B 42 -12.42 -3.63 -20.94
CA ARG B 42 -13.68 -4.14 -21.49
C ARG B 42 -14.32 -5.14 -20.55
N GLU B 43 -13.52 -6.00 -19.93
CA GLU B 43 -14.07 -6.96 -18.98
C GLU B 43 -14.61 -6.26 -17.73
N LEU B 44 -13.86 -5.29 -17.18
CA LEU B 44 -14.35 -4.51 -16.06
C LEU B 44 -15.72 -3.91 -16.36
N LEU B 45 -15.82 -3.23 -17.51
CA LEU B 45 -17.06 -2.52 -17.83
C LEU B 45 -18.19 -3.49 -18.12
N GLN B 46 -17.90 -4.60 -18.80
CA GLN B 46 -18.95 -5.60 -19.04
C GLN B 46 -19.45 -6.21 -17.74
N LEU B 47 -18.55 -6.47 -16.79
CA LEU B 47 -18.96 -6.97 -15.50
C LEU B 47 -19.77 -5.91 -14.74
N ALA B 48 -19.31 -4.66 -14.76
CA ALA B 48 -20.02 -3.62 -14.04
C ALA B 48 -21.44 -3.45 -14.59
N ASP B 49 -21.62 -3.55 -15.91
CA ASP B 49 -22.95 -3.37 -16.48
C ASP B 49 -23.83 -4.56 -16.15
N ALA B 50 -23.33 -5.78 -16.35
CA ALA B 50 -24.16 -6.96 -16.18
C ALA B 50 -24.48 -7.22 -14.71
N LEU B 51 -23.49 -7.02 -13.84
CA LEU B 51 -23.66 -7.31 -12.42
C LEU B 51 -24.10 -6.09 -11.62
N GLY B 52 -24.13 -4.91 -12.23
CA GLY B 52 -24.50 -3.69 -11.54
C GLY B 52 -25.77 -3.81 -10.72
N PRO B 53 -26.84 -4.37 -11.30
CA PRO B 53 -28.10 -4.48 -10.55
C PRO B 53 -28.01 -5.38 -9.33
N SER B 54 -27.01 -6.27 -9.28
CA SER B 54 -26.86 -7.25 -8.20
C SER B 54 -25.95 -6.79 -7.07
N ILE B 55 -25.24 -5.67 -7.22
CA ILE B 55 -24.18 -5.31 -6.30
C ILE B 55 -24.48 -3.95 -5.68
N CYS B 56 -23.96 -3.75 -4.47
CA CYS B 56 -23.99 -2.43 -3.85
C CYS B 56 -22.73 -1.64 -4.11
N MET B 57 -21.70 -2.30 -4.60
CA MET B 57 -20.39 -1.71 -4.67
C MET B 57 -19.55 -2.54 -5.63
N LEU B 58 -18.66 -1.87 -6.33
N LEU B 58 -18.64 -1.87 -6.32
CA LEU B 58 -17.67 -2.51 -7.18
CA LEU B 58 -17.68 -2.51 -7.21
C LEU B 58 -16.31 -2.05 -6.69
C LEU B 58 -16.29 -2.06 -6.76
N LYS B 59 -15.48 -3.02 -6.33
CA LYS B 59 -14.12 -2.73 -5.88
C LYS B 59 -13.20 -2.84 -7.10
N THR B 60 -12.65 -1.70 -7.51
CA THR B 60 -11.76 -1.61 -8.64
C THR B 60 -10.34 -1.90 -8.18
N HIS B 61 -9.49 -2.35 -9.11
N HIS B 61 -9.55 -2.19 -9.16
CA HIS B 61 -8.03 -2.52 -8.81
CA HIS B 61 -8.21 -2.59 -8.93
C HIS B 61 -7.24 -1.92 -9.97
C HIS B 61 -7.34 -1.92 -9.98
N VAL B 62 -7.24 -0.59 -10.05
N VAL B 62 -7.22 -0.59 -9.84
CA VAL B 62 -6.70 0.05 -11.24
CA VAL B 62 -6.81 0.24 -10.96
C VAL B 62 -5.23 -0.26 -11.44
C VAL B 62 -5.40 -0.11 -11.43
N ASP B 63 -4.50 -0.63 -10.38
N ASP B 63 -4.53 -0.56 -10.52
CA ASP B 63 -3.09 -0.97 -10.52
CA ASP B 63 -3.13 -0.79 -10.84
C ASP B 63 -2.84 -2.16 -11.44
C ASP B 63 -2.84 -2.19 -11.41
N ILE B 64 -3.87 -2.99 -11.70
CA ILE B 64 -3.71 -4.14 -12.57
C ILE B 64 -4.44 -3.97 -13.89
N LEU B 65 -5.06 -2.82 -14.12
CA LEU B 65 -5.81 -2.54 -15.34
C LEU B 65 -4.86 -2.09 -16.44
N ASN B 66 -4.58 -2.99 -17.39
CA ASN B 66 -3.52 -2.73 -18.37
C ASN B 66 -3.84 -1.57 -19.28
N ASP B 67 -5.11 -1.28 -19.50
CA ASP B 67 -5.55 -0.25 -20.41
C ASP B 67 -6.37 0.79 -19.67
N PHE B 68 -5.99 1.08 -18.42
CA PHE B 68 -6.58 2.19 -17.69
C PHE B 68 -6.49 3.48 -18.48
N THR B 69 -7.60 4.23 -18.49
CA THR B 69 -7.59 5.65 -18.80
C THR B 69 -8.67 6.28 -17.93
N LEU B 70 -8.64 7.61 -17.82
CA LEU B 70 -9.71 8.30 -17.11
C LEU B 70 -11.04 8.15 -17.83
N ASP B 71 -11.03 7.96 -19.16
N ASP B 71 -11.02 7.94 -19.16
CA ASP B 71 -12.27 7.71 -19.88
CA ASP B 71 -12.26 7.71 -19.88
C ASP B 71 -12.91 6.38 -19.48
C ASP B 71 -12.91 6.39 -19.45
N VAL B 72 -12.11 5.36 -19.17
CA VAL B 72 -12.67 4.12 -18.65
C VAL B 72 -13.40 4.40 -17.35
N MET B 73 -12.78 5.21 -16.46
N MET B 73 -12.79 5.21 -16.48
CA MET B 73 -13.40 5.53 -15.19
CA MET B 73 -13.42 5.50 -15.19
C MET B 73 -14.69 6.33 -15.40
C MET B 73 -14.66 6.36 -15.36
N LYS B 74 -14.70 7.25 -16.36
CA LYS B 74 -15.91 7.99 -16.67
C LYS B 74 -17.05 7.04 -17.04
N GLU B 75 -16.76 6.04 -17.86
N GLU B 75 -16.75 6.05 -17.87
CA GLU B 75 -17.80 5.07 -18.22
CA GLU B 75 -17.75 5.05 -18.23
C GLU B 75 -18.20 4.22 -17.02
C GLU B 75 -18.19 4.25 -17.02
N LEU B 76 -17.25 3.88 -16.15
CA LEU B 76 -17.62 3.18 -14.94
C LEU B 76 -18.53 4.02 -14.05
N ILE B 77 -18.25 5.33 -13.93
CA ILE B 77 -19.14 6.21 -13.16
C ILE B 77 -20.54 6.21 -13.76
N THR B 78 -20.63 6.25 -15.09
CA THR B 78 -21.95 6.23 -15.72
C THR B 78 -22.73 4.96 -15.34
N LEU B 79 -22.03 3.82 -15.32
CA LEU B 79 -22.66 2.55 -14.94
C LEU B 79 -23.04 2.55 -13.47
N ALA B 80 -22.15 3.07 -12.62
CA ALA B 80 -22.43 3.13 -11.20
C ALA B 80 -23.66 4.00 -10.92
N LYS B 81 -23.81 5.10 -11.63
CA LYS B 81 -24.99 5.96 -11.48
C LYS B 81 -26.25 5.27 -11.99
N HIS B 83 -26.89 1.94 -12.47
CA HIS B 83 -27.28 0.76 -11.72
C HIS B 83 -27.34 0.96 -10.20
N GLU B 84 -26.77 2.07 -9.75
CA GLU B 84 -26.74 2.47 -8.35
C GLU B 84 -25.81 1.55 -7.54
N PHE B 85 -24.51 1.79 -7.67
CA PHE B 85 -23.53 1.16 -6.80
C PHE B 85 -22.40 2.16 -6.57
N LEU B 86 -21.66 1.97 -5.49
CA LEU B 86 -20.49 2.80 -5.23
C LEU B 86 -19.24 2.18 -5.83
N ILE B 87 -18.26 3.03 -6.13
CA ILE B 87 -16.95 2.61 -6.61
C ILE B 87 -15.96 2.70 -5.46
N PHE B 88 -15.30 1.57 -5.14
CA PHE B 88 -14.33 1.44 -4.04
C PHE B 88 -13.00 1.03 -4.66
N GLU B 89 -11.99 1.89 -4.64
CA GLU B 89 -10.69 1.52 -5.17
C GLU B 89 -9.88 0.76 -4.13
N ASP B 90 -9.29 -0.36 -4.46
N ASP B 90 -9.27 -0.34 -4.61
CA ASP B 90 -8.67 -1.08 -3.35
CA ASP B 90 -8.51 -1.32 -3.83
C ASP B 90 -7.19 -0.76 -3.10
C ASP B 90 -7.22 -0.77 -3.24
N ARG B 91 -6.61 0.25 -3.76
N ARG B 91 -6.59 0.23 -3.85
CA ARG B 91 -5.20 0.59 -3.49
CA ARG B 91 -5.21 0.62 -3.49
C ARG B 91 -5.07 0.73 -1.96
C ARG B 91 -4.96 0.73 -2.01
N LYS B 92 -4.07 0.13 -1.35
N LYS B 92 -3.85 0.12 -1.54
CA LYS B 92 -4.05 0.10 0.13
CA LYS B 92 -3.63 0.10 -0.10
C LYS B 92 -3.12 1.19 0.65
C LYS B 92 -2.92 1.38 0.28
N PHE B 93 -3.65 2.40 0.74
CA PHE B 93 -2.91 3.56 1.24
C PHE B 93 -2.30 3.21 2.58
N ALA B 94 -0.98 3.42 2.71
CA ALA B 94 -0.26 2.82 3.83
C ALA B 94 1.09 3.51 4.04
N ASP B 95 1.12 4.82 3.97
N ASP B 95 1.02 4.84 4.01
CA ASP B 95 2.36 5.55 4.25
CA ASP B 95 2.18 5.71 4.00
C ASP B 95 2.00 6.78 5.04
C ASP B 95 1.95 6.85 4.99
N ILE B 96 3.01 7.62 5.23
CA ILE B 96 2.86 8.84 6.01
C ILE B 96 1.86 9.77 5.32
N GLY B 97 1.26 10.63 6.13
CA GLY B 97 0.19 11.48 5.63
C GLY B 97 0.56 12.32 4.43
N ASN B 98 1.77 12.91 4.45
CA ASN B 98 2.16 13.84 3.39
C ASN B 98 2.20 13.15 2.05
N THR B 99 2.60 11.88 2.03
N THR B 99 2.61 11.88 2.01
CA THR B 99 2.75 11.15 0.77
CA THR B 99 2.71 11.20 0.73
C THR B 99 1.42 10.56 0.31
C THR B 99 1.40 10.57 0.30
N VAL B 100 0.59 10.05 1.24
CA VAL B 100 -0.67 9.44 0.81
C VAL B 100 -1.57 10.47 0.18
N LYS B 101 -1.50 11.73 0.62
N LYS B 101 -1.50 11.74 0.59
CA LYS B 101 -2.29 12.79 0.02
CA LYS B 101 -2.38 12.72 -0.03
C LYS B 101 -2.06 12.83 -1.49
C LYS B 101 -2.07 12.90 -1.51
N LYS B 102 -0.79 12.80 -1.90
CA LYS B 102 -0.43 12.91 -3.31
C LYS B 102 -0.81 11.65 -4.07
N GLN B 103 -0.68 10.49 -3.42
N GLN B 103 -0.67 10.49 -3.43
CA GLN B 103 -1.04 9.24 -4.05
CA GLN B 103 -1.04 9.24 -4.09
C GLN B 103 -2.53 9.16 -4.33
C GLN B 103 -2.54 9.18 -4.35
N TYR B 104 -3.33 9.75 -3.45
CA TYR B 104 -4.78 9.72 -3.61
C TYR B 104 -5.25 10.68 -4.68
N GLU B 105 -4.70 11.86 -4.71
CA GLU B 105 -5.13 12.90 -5.63
C GLU B 105 -4.55 12.75 -7.03
N GLY B 106 -3.29 12.32 -7.13
CA GLY B 106 -2.47 12.60 -8.30
C GLY B 106 -2.07 11.41 -9.17
N GLY B 107 -0.95 11.57 -9.86
CA GLY B 107 -0.51 10.60 -10.80
C GLY B 107 -1.46 10.46 -11.97
N ILE B 108 -1.29 9.34 -12.69
N ILE B 108 -1.27 9.37 -12.71
CA ILE B 108 -2.13 9.09 -13.85
CA ILE B 108 -2.14 9.08 -13.84
C ILE B 108 -3.51 8.60 -13.44
C ILE B 108 -3.54 8.76 -13.36
N PHE B 109 -3.66 8.05 -12.23
CA PHE B 109 -4.94 7.46 -11.87
C PHE B 109 -5.92 8.46 -11.29
N LYS B 110 -5.45 9.50 -10.59
N LYS B 110 -5.42 9.47 -10.56
CA LYS B 110 -6.35 10.48 -9.99
CA LYS B 110 -6.29 10.49 -9.94
C LYS B 110 -7.48 9.77 -9.25
C LYS B 110 -7.46 9.84 -9.19
N ILE B 111 -7.11 8.92 -8.29
CA ILE B 111 -8.11 8.07 -7.65
C ILE B 111 -9.25 8.88 -7.04
N ALA B 112 -8.93 9.96 -6.33
CA ALA B 112 -9.96 10.71 -5.62
C ALA B 112 -11.01 11.29 -6.56
N SER B 113 -10.68 11.45 -7.84
N SER B 113 -10.69 11.45 -7.85
CA SER B 113 -11.61 12.04 -8.79
CA SER B 113 -11.62 12.05 -8.78
C SER B 113 -12.73 11.10 -9.19
C SER B 113 -12.76 11.11 -9.16
N TRP B 114 -12.60 9.80 -8.96
CA TRP B 114 -13.62 8.84 -9.39
C TRP B 114 -14.01 7.82 -8.33
N ALA B 115 -13.23 7.60 -7.28
CA ALA B 115 -13.57 6.58 -6.30
C ALA B 115 -14.40 7.18 -5.17
N ASP B 116 -15.57 6.60 -4.92
CA ASP B 116 -16.34 7.00 -3.74
C ASP B 116 -15.63 6.65 -2.44
N LEU B 117 -15.03 5.46 -2.41
CA LEU B 117 -14.40 4.90 -1.21
C LEU B 117 -12.98 4.48 -1.55
N VAL B 118 -12.10 4.65 -0.56
CA VAL B 118 -10.75 4.09 -0.58
C VAL B 118 -10.55 3.37 0.75
N ASN B 119 -9.47 2.57 0.83
CA ASN B 119 -9.11 1.94 2.08
C ASN B 119 -7.67 2.24 2.43
N ALA B 120 -7.41 2.19 3.74
CA ALA B 120 -6.06 2.46 4.26
C ALA B 120 -5.70 1.41 5.28
N HIS B 121 -4.42 1.05 5.31
CA HIS B 121 -3.87 0.35 6.47
C HIS B 121 -3.58 1.35 7.57
N VAL B 122 -3.72 0.90 8.81
CA VAL B 122 -3.57 1.78 9.96
C VAL B 122 -2.15 1.78 10.52
N VAL B 123 -1.28 0.91 10.03
CA VAL B 123 0.09 0.78 10.53
C VAL B 123 0.85 2.10 10.60
N PRO B 124 0.67 3.09 9.71
CA PRO B 124 1.44 4.35 9.86
C PRO B 124 1.03 5.21 11.04
N GLY B 125 -0.09 4.93 11.68
CA GLY B 125 -0.70 5.88 12.58
C GLY B 125 -1.68 6.77 11.86
N SER B 126 -2.34 7.63 12.64
CA SER B 126 -3.50 8.38 12.12
C SER B 126 -3.16 9.40 11.06
N GLY B 127 -1.87 9.73 10.86
CA GLY B 127 -1.54 10.61 9.75
C GLY B 127 -2.00 10.08 8.41
N VAL B 128 -2.08 8.75 8.26
CA VAL B 128 -2.56 8.21 6.99
C VAL B 128 -3.98 8.67 6.71
N VAL B 129 -4.83 8.70 7.74
CA VAL B 129 -6.20 9.17 7.60
C VAL B 129 -6.24 10.67 7.37
N LYS B 130 -5.45 11.43 8.13
N LYS B 130 -5.45 11.42 8.14
CA LYS B 130 -5.46 12.87 7.98
CA LYS B 130 -5.44 12.87 7.99
C LYS B 130 -5.02 13.30 6.58
C LYS B 130 -5.02 13.29 6.58
N GLY B 131 -4.01 12.64 6.02
CA GLY B 131 -3.58 12.99 4.68
C GLY B 131 -4.65 12.71 3.64
N LEU B 132 -5.29 11.53 3.73
CA LEU B 132 -6.35 11.22 2.79
C LEU B 132 -7.51 12.20 2.93
N GLN B 133 -7.84 12.54 4.16
N GLN B 133 -7.85 12.56 4.17
CA GLN B 133 -8.96 13.44 4.41
CA GLN B 133 -9.02 13.43 4.35
C GLN B 133 -8.75 14.81 3.76
C GLN B 133 -8.76 14.86 3.87
N GLU B 134 -7.50 15.29 3.75
CA GLU B 134 -7.19 16.60 3.18
C GLU B 134 -7.56 16.67 1.71
N VAL B 135 -7.66 15.53 1.04
CA VAL B 135 -8.12 15.46 -0.33
C VAL B 135 -9.59 15.07 -0.42
N GLY B 136 -10.01 14.07 0.34
CA GLY B 136 -11.32 13.47 0.10
C GLY B 136 -12.48 14.19 0.73
N LEU B 137 -12.23 14.95 1.78
CA LEU B 137 -13.32 15.57 2.53
C LEU B 137 -14.28 16.38 1.67
N PRO B 138 -13.81 17.40 0.93
CA PRO B 138 -14.74 18.23 0.16
C PRO B 138 -15.43 17.49 -0.97
N LEU B 139 -14.85 16.39 -1.44
CA LEU B 139 -15.39 15.55 -2.49
C LEU B 139 -16.44 14.57 -1.97
N HIS B 140 -16.76 14.64 -0.67
CA HIS B 140 -17.76 13.75 -0.09
C HIS B 140 -17.33 12.30 -0.25
N ARG B 141 -16.02 12.08 -0.24
CA ARG B 141 -15.49 10.72 -0.23
C ARG B 141 -15.49 10.15 1.18
N GLY B 142 -15.33 8.81 1.26
CA GLY B 142 -15.14 8.14 2.53
C GLY B 142 -13.97 7.18 2.45
N CYS B 143 -13.51 6.80 3.63
CA CYS B 143 -12.41 5.87 3.77
C CYS B 143 -12.83 4.71 4.66
N LEU B 144 -12.24 3.55 4.35
CA LEU B 144 -12.40 2.33 5.13
C LEU B 144 -11.04 1.95 5.71
N LEU B 145 -11.01 1.63 6.99
CA LEU B 145 -9.76 1.22 7.63
C LEU B 145 -9.65 -0.30 7.73
N ILE B 146 -8.48 -0.81 7.39
CA ILE B 146 -8.26 -2.26 7.41
C ILE B 146 -7.92 -2.70 8.83
N ALA B 147 -8.93 -3.20 9.51
CA ALA B 147 -8.84 -3.57 10.91
C ALA B 147 -8.44 -5.01 11.14
N GLU B 148 -8.78 -5.88 10.19
CA GLU B 148 -8.43 -7.29 10.19
C GLU B 148 -8.17 -7.68 8.75
N MET B 149 -7.41 -8.75 8.55
CA MET B 149 -7.16 -9.31 7.23
C MET B 149 -7.53 -10.78 7.21
N SER B 150 -7.86 -11.28 6.00
CA SER B 150 -8.34 -12.64 5.82
C SER B 150 -7.23 -13.67 5.66
N SER B 151 -6.00 -13.23 5.49
CA SER B 151 -4.92 -14.10 5.07
C SER B 151 -4.18 -14.73 6.24
N THR B 152 -3.59 -15.90 5.97
CA THR B 152 -2.86 -16.64 6.99
C THR B 152 -1.66 -15.85 7.49
N GLY B 153 -1.55 -15.74 8.80
CA GLY B 153 -0.48 -14.98 9.40
C GLY B 153 -0.74 -13.49 9.55
N SER B 154 -1.94 -13.03 9.26
CA SER B 154 -2.26 -11.63 9.42
C SER B 154 -1.85 -11.14 10.79
N LEU B 155 -1.24 -9.94 10.81
CA LEU B 155 -0.87 -9.26 12.03
C LEU B 155 -1.91 -8.25 12.47
N ALA B 156 -3.03 -8.17 11.76
CA ALA B 156 -4.08 -7.21 12.08
C ALA B 156 -5.03 -7.85 13.10
N THR B 157 -4.53 -7.98 14.31
CA THR B 157 -5.23 -8.67 15.38
C THR B 157 -5.02 -7.90 16.67
N GLY B 158 -5.81 -8.24 17.70
CA GLY B 158 -5.55 -7.75 19.04
C GLY B 158 -5.52 -6.23 19.10
N ASP B 159 -4.43 -5.70 19.66
CA ASP B 159 -4.31 -4.26 19.84
C ASP B 159 -4.26 -3.53 18.51
N TYR B 160 -3.80 -4.18 17.45
CA TYR B 160 -3.80 -3.55 16.13
C TYR B 160 -5.23 -3.25 15.68
N THR B 161 -6.10 -4.26 15.78
CA THR B 161 -7.50 -4.06 15.44
C THR B 161 -8.13 -2.99 16.31
N ARG B 162 -7.83 -3.00 17.61
CA ARG B 162 -8.39 -1.98 18.50
C ARG B 162 -7.93 -0.59 18.09
N ALA B 163 -6.67 -0.47 17.66
CA ALA B 163 -6.18 0.83 17.22
C ALA B 163 -6.91 1.28 15.97
N ALA B 164 -7.22 0.36 15.06
CA ALA B 164 -7.98 0.72 13.87
C ALA B 164 -9.36 1.24 14.24
N VAL B 165 -10.03 0.58 15.19
CA VAL B 165 -11.36 1.02 15.61
C VAL B 165 -11.29 2.42 16.23
N ARG B 166 -10.30 2.64 17.10
CA ARG B 166 -10.17 3.96 17.71
C ARG B 166 -9.91 5.03 16.66
N MET B 167 -9.05 4.73 15.69
CA MET B 167 -8.74 5.70 14.65
C MET B 167 -9.99 6.05 13.84
N ALA B 168 -10.82 5.06 13.53
CA ALA B 168 -12.04 5.32 12.79
C ALA B 168 -12.99 6.18 13.62
N GLU B 169 -13.20 5.79 14.87
N GLU B 169 -13.18 5.82 14.88
CA GLU B 169 -14.10 6.54 15.75
CA GLU B 169 -14.17 6.51 15.68
C GLU B 169 -13.71 7.99 15.80
C GLU B 169 -13.71 7.91 16.06
N GLU B 170 -12.40 8.24 15.91
CA GLU B 170 -11.88 9.58 16.10
C GLU B 170 -11.79 10.38 14.82
N HIS B 171 -12.07 9.78 13.67
CA HIS B 171 -12.04 10.45 12.36
C HIS B 171 -13.32 10.17 11.59
N SER B 172 -14.46 10.25 12.29
CA SER B 172 -15.72 9.86 11.69
C SER B 172 -16.25 10.86 10.67
N GLU B 173 -15.61 12.02 10.53
N GLU B 173 -15.63 12.02 10.53
CA GLU B 173 -15.94 12.93 9.45
CA GLU B 173 -15.98 12.92 9.44
C GLU B 173 -15.56 12.37 8.09
C GLU B 173 -15.53 12.40 8.08
N PHE B 174 -14.68 11.37 8.05
CA PHE B 174 -14.16 10.87 6.79
C PHE B 174 -14.12 9.33 6.76
N VAL B 175 -13.81 8.69 7.89
CA VAL B 175 -13.80 7.23 7.97
C VAL B 175 -15.22 6.74 8.16
N VAL B 176 -15.66 5.87 7.26
CA VAL B 176 -17.02 5.40 7.24
C VAL B 176 -17.15 3.93 7.56
N GLY B 177 -16.04 3.24 7.79
CA GLY B 177 -16.13 1.84 8.14
C GLY B 177 -14.80 1.14 8.02
N PHE B 178 -14.90 -0.18 7.94
CA PHE B 178 -13.77 -1.09 8.07
C PHE B 178 -13.77 -2.14 6.97
N ILE B 179 -12.57 -2.58 6.64
CA ILE B 179 -12.34 -3.92 6.09
C ILE B 179 -11.99 -4.81 7.27
N SER B 180 -12.79 -5.84 7.50
CA SER B 180 -12.63 -6.68 8.68
C SER B 180 -13.26 -8.04 8.40
N GLY B 181 -12.99 -8.99 9.27
CA GLY B 181 -13.60 -10.30 9.16
C GLY B 181 -14.88 -10.46 9.93
N SER B 182 -15.22 -9.47 10.73
N SER B 182 -15.15 -9.52 10.83
CA SER B 182 -16.32 -9.52 11.67
CA SER B 182 -16.28 -9.56 11.74
C SER B 182 -16.64 -8.10 12.06
C SER B 182 -16.60 -8.12 12.11
N ARG B 183 -17.73 -7.95 12.80
CA ARG B 183 -18.04 -6.66 13.40
C ARG B 183 -16.94 -6.31 14.40
N VAL B 184 -16.32 -5.15 14.24
CA VAL B 184 -15.29 -4.67 15.16
C VAL B 184 -15.70 -3.42 15.91
N SER B 185 -16.65 -2.65 15.42
CA SER B 185 -17.19 -1.50 16.12
C SER B 185 -18.65 -1.77 16.45
N MET B 186 -19.06 -1.32 17.62
CA MET B 186 -20.45 -1.38 18.04
C MET B 186 -21.27 -0.21 17.55
N LYS B 187 -20.66 0.75 16.88
CA LYS B 187 -21.36 1.95 16.43
C LYS B 187 -22.00 1.66 15.08
N PRO B 188 -23.33 1.76 14.96
CA PRO B 188 -23.98 1.27 13.73
C PRO B 188 -23.80 2.18 12.52
N GLU B 189 -23.26 3.38 12.74
N GLU B 189 -23.19 3.34 12.67
CA GLU B 189 -22.90 4.26 11.64
CA GLU B 189 -22.93 4.24 11.54
C GLU B 189 -21.81 3.65 10.77
C GLU B 189 -21.70 3.85 10.73
N PHE B 190 -20.96 2.80 11.36
N PHE B 190 -20.96 2.82 11.13
CA PHE B 190 -19.83 2.23 10.66
CA PHE B 190 -19.78 2.34 10.41
C PHE B 190 -20.25 1.05 9.80
C PHE B 190 -20.11 1.06 9.66
N LEU B 191 -19.69 0.98 8.61
N LEU B 191 -19.72 1.00 8.39
CA LEU B 191 -19.86 -0.17 7.73
CA LEU B 191 -19.91 -0.19 7.57
C LEU B 191 -18.77 -1.18 8.03
C LEU B 191 -18.76 -1.18 7.78
N HIS B 192 -19.11 -2.47 7.88
CA HIS B 192 -18.13 -3.55 7.92
C HIS B 192 -18.17 -4.32 6.61
N LEU B 193 -17.05 -4.34 5.90
CA LEU B 193 -16.92 -5.05 4.64
C LEU B 193 -15.92 -6.19 4.83
N THR B 194 -16.29 -7.37 4.39
CA THR B 194 -15.49 -8.56 4.67
C THR B 194 -15.08 -9.26 3.38
N PRO B 195 -13.79 -9.29 3.08
CA PRO B 195 -13.24 -10.12 2.00
C PRO B 195 -12.87 -11.49 2.54
N GLY B 196 -12.34 -12.36 1.69
CA GLY B 196 -12.14 -13.74 2.10
C GLY B 196 -13.45 -14.51 2.18
N VAL B 197 -14.30 -14.35 1.16
CA VAL B 197 -15.63 -14.96 1.16
C VAL B 197 -15.80 -15.84 -0.08
N GLN B 198 -16.23 -17.07 0.16
CA GLN B 198 -16.68 -17.97 -0.90
C GLN B 198 -17.76 -18.86 -0.34
N LEU B 199 -18.63 -19.35 -1.23
CA LEU B 199 -19.67 -20.27 -0.80
C LEU B 199 -19.09 -21.59 -0.29
N GLU B 200 -18.00 -22.06 -0.90
CA GLU B 200 -17.35 -23.30 -0.55
C GLU B 200 -16.20 -23.06 0.42
N ALA B 201 -15.95 -24.04 1.28
CA ALA B 201 -14.79 -23.99 2.16
C ALA B 201 -13.53 -24.07 1.32
N GLY B 202 -12.48 -23.40 1.80
CA GLY B 202 -11.18 -23.52 1.19
C GLY B 202 -10.37 -22.24 1.35
N GLY B 203 -9.44 -22.11 0.41
CA GLY B 203 -8.48 -21.04 0.42
C GLY B 203 -7.78 -21.00 -0.91
N ASP B 204 -6.66 -20.32 -0.97
CA ASP B 204 -5.78 -20.40 -2.13
C ASP B 204 -4.40 -20.85 -1.67
N ASN B 205 -3.46 -20.92 -2.60
N ASN B 205 -3.46 -20.91 -2.61
CA ASN B 205 -2.11 -21.39 -2.32
CA ASN B 205 -2.11 -21.40 -2.32
C ASN B 205 -1.17 -20.29 -1.93
C ASN B 205 -1.17 -20.30 -1.87
N LEU B 206 -1.69 -19.09 -1.66
CA LEU B 206 -0.93 -17.92 -1.28
C LEU B 206 -1.58 -17.25 -0.08
N GLY B 207 -2.12 -18.05 0.83
CA GLY B 207 -2.54 -17.57 2.13
C GLY B 207 -3.95 -17.02 2.25
N GLN B 208 -4.74 -16.99 1.19
CA GLN B 208 -6.13 -16.57 1.32
C GLN B 208 -6.91 -17.67 2.03
N GLN B 209 -7.80 -17.26 2.90
CA GLN B 209 -8.70 -18.14 3.64
C GLN B 209 -10.13 -17.67 3.43
N TYR B 210 -11.02 -18.61 3.14
CA TYR B 210 -12.42 -18.28 2.85
C TYR B 210 -13.36 -18.69 3.97
N ASN B 211 -14.36 -17.86 4.18
CA ASN B 211 -15.52 -18.16 5.01
C ASN B 211 -16.76 -17.88 4.18
N SER B 212 -17.89 -18.44 4.59
CA SER B 212 -19.10 -18.30 3.80
C SER B 212 -19.82 -16.99 4.09
N PRO B 213 -20.69 -16.55 3.17
CA PRO B 213 -21.55 -15.39 3.48
C PRO B 213 -22.36 -15.57 4.73
N GLN B 214 -22.96 -16.74 4.92
CA GLN B 214 -23.75 -16.97 6.11
C GLN B 214 -22.91 -16.76 7.38
N GLU B 215 -21.69 -17.30 7.39
CA GLU B 215 -20.82 -17.14 8.55
C GLU B 215 -20.46 -15.68 8.79
N VAL B 216 -20.03 -14.96 7.75
N VAL B 216 -20.03 -15.00 7.73
CA VAL B 216 -19.45 -13.64 8.01
CA VAL B 216 -19.47 -13.66 7.84
C VAL B 216 -20.53 -12.57 8.21
C VAL B 216 -20.56 -12.67 8.27
N ILE B 217 -21.68 -12.69 7.56
CA ILE B 217 -22.76 -11.74 7.77
C ILE B 217 -23.63 -12.15 8.94
N GLY B 218 -23.98 -13.43 8.98
CA GLY B 218 -24.91 -13.94 9.97
C GLY B 218 -24.33 -14.14 11.36
N LYS B 219 -23.21 -14.83 11.47
CA LYS B 219 -22.60 -15.12 12.76
C LYS B 219 -21.59 -14.06 13.19
N ARG B 220 -20.77 -13.57 12.26
CA ARG B 220 -19.71 -12.62 12.60
C ARG B 220 -20.16 -11.16 12.55
N GLY B 221 -21.37 -10.89 12.07
CA GLY B 221 -21.95 -9.57 12.20
C GLY B 221 -21.49 -8.53 11.20
N SER B 222 -20.86 -8.94 10.10
N SER B 222 -20.84 -8.93 10.11
CA SER B 222 -20.43 -7.98 9.12
CA SER B 222 -20.42 -7.98 9.10
C SER B 222 -21.61 -7.55 8.24
C SER B 222 -21.64 -7.46 8.33
N ASP B 223 -21.40 -6.49 7.45
CA ASP B 223 -22.46 -5.89 6.64
C ASP B 223 -22.43 -6.29 5.18
N ILE B 224 -21.25 -6.32 4.57
CA ILE B 224 -21.08 -6.47 3.13
C ILE B 224 -20.02 -7.54 2.90
N ILE B 225 -20.26 -8.42 1.94
CA ILE B 225 -19.24 -9.37 1.50
C ILE B 225 -18.53 -8.84 0.27
N ILE B 226 -17.19 -9.00 0.24
CA ILE B 226 -16.36 -8.67 -0.90
C ILE B 226 -15.96 -9.98 -1.53
N VAL B 227 -16.32 -10.18 -2.79
CA VAL B 227 -16.12 -11.47 -3.46
C VAL B 227 -15.44 -11.23 -4.80
N GLY B 228 -14.28 -11.85 -4.98
CA GLY B 228 -13.56 -11.80 -6.24
C GLY B 228 -13.73 -13.10 -6.99
N ARG B 229 -12.78 -14.03 -6.80
CA ARG B 229 -12.73 -15.28 -7.57
C ARG B 229 -14.01 -16.11 -7.47
N GLY B 230 -14.72 -16.08 -6.34
CA GLY B 230 -15.95 -16.84 -6.25
C GLY B 230 -16.93 -16.48 -7.35
N ILE B 231 -16.92 -15.23 -7.79
CA ILE B 231 -17.70 -14.77 -8.91
C ILE B 231 -16.91 -14.81 -10.21
N ILE B 232 -15.73 -14.17 -10.22
N ILE B 232 -15.76 -14.12 -10.24
CA ILE B 232 -15.00 -13.91 -11.45
CA ILE B 232 -15.14 -13.86 -11.53
C ILE B 232 -14.66 -15.21 -12.17
C ILE B 232 -14.56 -15.12 -12.17
N SER B 233 -14.31 -16.26 -11.42
N SER B 233 -14.37 -16.20 -11.40
CA SER B 233 -13.89 -17.50 -12.05
CA SER B 233 -13.92 -17.47 -11.98
C SER B 233 -15.05 -18.38 -12.52
C SER B 233 -15.05 -18.27 -12.62
N ALA B 234 -16.30 -18.00 -12.24
CA ALA B 234 -17.42 -18.76 -12.75
C ALA B 234 -17.57 -18.56 -14.25
N ALA B 235 -18.20 -19.53 -14.92
CA ALA B 235 -18.51 -19.32 -16.32
C ALA B 235 -19.49 -18.16 -16.48
N ASP B 236 -20.58 -18.18 -15.70
CA ASP B 236 -21.63 -17.17 -15.74
C ASP B 236 -21.48 -16.33 -14.48
N ARG B 237 -20.86 -15.15 -14.63
CA ARG B 237 -20.61 -14.29 -13.48
C ARG B 237 -21.89 -13.68 -12.94
N LEU B 238 -22.91 -13.50 -13.77
CA LEU B 238 -24.16 -12.95 -13.28
C LEU B 238 -24.87 -13.92 -12.36
N GLU B 239 -25.00 -15.18 -12.77
CA GLU B 239 -25.60 -16.17 -11.90
C GLU B 239 -24.82 -16.31 -10.61
N ALA B 240 -23.48 -16.31 -10.69
CA ALA B 240 -22.70 -16.42 -9.48
C ALA B 240 -22.95 -15.23 -8.56
N ALA B 241 -22.96 -14.01 -9.12
CA ALA B 241 -23.23 -12.83 -8.31
C ALA B 241 -24.58 -12.93 -7.61
N GLU B 242 -25.60 -13.43 -8.32
CA GLU B 242 -26.92 -13.58 -7.71
C GLU B 242 -26.90 -14.59 -6.56
N MET B 243 -26.14 -15.66 -6.68
N MET B 243 -26.15 -15.67 -6.70
CA MET B 243 -26.04 -16.62 -5.59
CA MET B 243 -26.04 -16.62 -5.59
C MET B 243 -25.39 -15.99 -4.37
C MET B 243 -25.41 -15.96 -4.37
N TYR B 244 -24.34 -15.19 -4.57
CA TYR B 244 -23.71 -14.50 -3.45
C TYR B 244 -24.60 -13.42 -2.87
N ARG B 245 -25.31 -12.67 -3.73
CA ARG B 245 -26.23 -11.65 -3.24
C ARG B 245 -27.29 -12.26 -2.34
N LYS B 246 -27.93 -13.33 -2.81
CA LYS B 246 -28.99 -13.92 -2.01
C LYS B 246 -28.46 -14.48 -0.71
N ALA B 247 -27.27 -15.09 -0.74
CA ALA B 247 -26.68 -15.61 0.49
C ALA B 247 -26.44 -14.48 1.49
N ALA B 248 -25.81 -13.41 1.06
CA ALA B 248 -25.47 -12.34 1.99
C ALA B 248 -26.70 -11.60 2.46
N TRP B 249 -27.69 -11.41 1.57
CA TRP B 249 -28.88 -10.66 1.94
C TRP B 249 -29.72 -11.43 2.94
N GLU B 250 -29.93 -12.72 2.70
N GLU B 250 -29.97 -12.71 2.68
CA GLU B 250 -30.73 -13.50 3.63
CA GLU B 250 -30.71 -13.52 3.65
C GLU B 250 -30.02 -13.73 4.96
C GLU B 250 -30.00 -13.55 4.99
N ALA B 251 -28.68 -13.74 4.98
CA ALA B 251 -27.95 -13.78 6.25
C ALA B 251 -28.15 -12.50 7.04
N TYR B 252 -28.16 -11.36 6.35
CA TYR B 252 -28.42 -10.08 6.99
C TYR B 252 -29.85 -10.03 7.54
N LEU B 253 -30.84 -10.49 6.76
CA LEU B 253 -32.22 -10.47 7.23
C LEU B 253 -32.38 -11.32 8.48
N SER B 254 -31.59 -12.40 8.58
N SER B 254 -31.71 -12.47 8.53
CA SER B 254 -31.68 -13.28 9.74
CA SER B 254 -31.90 -13.39 9.65
C SER B 254 -31.29 -12.55 11.01
C SER B 254 -31.29 -12.86 10.94
N ARG B 255 -30.30 -11.65 10.90
N ARG B 255 -30.55 -11.75 10.88
CA ARG B 255 -29.85 -10.87 12.05
CA ARG B 255 -30.00 -11.10 12.06
C ARG B 255 -30.96 -10.02 12.61
C ARG B 255 -30.85 -9.94 12.53
N LEU B 256 -31.80 -9.49 11.73
CA LEU B 256 -32.78 -8.53 12.17
C LEU B 256 -33.85 -9.15 13.06
N GLY B 257 -34.04 -10.45 12.87
CA GLY B 257 -35.01 -11.21 13.63
C GLY B 257 -36.42 -10.70 13.46
#